data_7TUC
#
_entry.id   7TUC
#
_cell.length_a   50.750
_cell.length_b   82.582
_cell.length_c   110.890
_cell.angle_alpha   90.000
_cell.angle_beta   90.000
_cell.angle_gamma   90.000
#
_symmetry.space_group_name_H-M   'P 21 21 21'
#
loop_
_entity.id
_entity.type
_entity.pdbx_description
1 polymer 'HLA class I histocompatibility antigen, B alpha chain'
2 polymer Beta-2-microglobulin
3 polymer 'MHC class II antigen peptide'
4 non-polymer GLYCEROL
5 non-polymer 1,2-ETHANEDIOL
6 water water
#
loop_
_entity_poly.entity_id
_entity_poly.type
_entity_poly.pdbx_seq_one_letter_code
_entity_poly.pdbx_strand_id
1 'polypeptide(L)'
;GSHSMRYFYTAMSRPGRGEPRFITVGYVDDTLFVRFDSDATSPRKEPRAPWIEQEGPEYWDRETQISKTNTQCYRENLRT
ALRYYNQSEAGSHIIQRMYGCDVGPDGRLLRGYDQYAYDGKDYIALNEDLSSWTAADTAAQITQRKWEAARVAEQDRAYL
EGLCVESLRRYLENGKETLQRADPPKTHVTHHPISDHEVTLRCWALGFYPAEITLTWQRDGEDQTQDTELVETRPAGDRT
FQKWAAVVVPSGEEQRYTCHVQHEGLPKPLTLRW
;
A
2 'polypeptide(L)'
;MIQRTPKIQVYSRHPAENGKSNFLNCYVSGFHPSDIEVDLLKNGERIEKVEHSDLSFSKDWSFYLLYYTEFTPTEKDEYA
CRVNHVTLSQPKIVKWDRDM
;
B
3 'polypeptide(L)' EEFGRAFSF P
#
# COMPACT_ATOMS: atom_id res chain seq x y z
N GLY A 1 -9.97 19.21 0.14
CA GLY A 1 -10.68 18.31 -0.75
C GLY A 1 -11.30 17.15 -0.01
N SER A 2 -11.48 16.03 -0.71
CA SER A 2 -12.03 14.82 -0.12
C SER A 2 -10.94 14.02 0.58
N HIS A 3 -11.35 13.14 1.51
CA HIS A 3 -10.41 12.39 2.31
C HIS A 3 -10.97 11.02 2.62
N SER A 4 -10.10 10.12 3.04
CA SER A 4 -10.48 8.75 3.33
C SER A 4 -9.82 8.28 4.62
N MET A 5 -10.49 7.38 5.31
CA MET A 5 -9.90 6.63 6.40
C MET A 5 -10.13 5.15 6.14
N ARG A 6 -9.08 4.34 6.31
CA ARG A 6 -9.18 2.91 6.05
C ARG A 6 -8.41 2.14 7.10
N TYR A 7 -8.99 1.02 7.53
CA TYR A 7 -8.29 0.02 8.31
C TYR A 7 -8.15 -1.24 7.48
N PHE A 8 -6.96 -1.85 7.58
CA PHE A 8 -6.59 -3.03 6.81
C PHE A 8 -6.16 -4.11 7.79
N TYR A 9 -6.87 -5.24 7.77
CA TYR A 9 -6.54 -6.41 8.58
C TYR A 9 -5.94 -7.50 7.70
N THR A 10 -4.91 -8.17 8.23
CA THR A 10 -4.38 -9.39 7.63
C THR A 10 -4.25 -10.43 8.73
N ALA A 11 -4.84 -11.60 8.52
CA ALA A 11 -4.74 -12.74 9.43
C ALA A 11 -4.18 -13.92 8.67
N MET A 12 -3.08 -14.50 9.17
CA MET A 12 -2.27 -15.45 8.41
C MET A 12 -2.04 -16.69 9.28
N SER A 13 -2.61 -17.83 8.87
CA SER A 13 -2.32 -19.06 9.60
C SER A 13 -0.98 -19.63 9.16
N ARG A 14 -0.41 -20.48 10.03
CA ARG A 14 0.93 -20.99 9.84
C ARG A 14 1.06 -22.27 10.66
N PRO A 15 0.38 -23.34 10.25
CA PRO A 15 0.40 -24.59 11.04
C PRO A 15 1.82 -25.06 11.34
N GLY A 16 2.04 -25.43 12.59
CA GLY A 16 3.35 -25.84 13.07
C GLY A 16 4.22 -24.70 13.56
N ARG A 17 3.80 -23.46 13.38
CA ARG A 17 4.57 -22.27 13.74
C ARG A 17 3.75 -21.34 14.63
N GLY A 18 2.95 -21.94 15.51
CA GLY A 18 2.11 -21.18 16.42
C GLY A 18 0.76 -20.83 15.82
N GLU A 19 0.07 -19.94 16.52
CA GLU A 19 -1.27 -19.53 16.14
C GLU A 19 -1.20 -18.45 15.06
N PRO A 20 -2.29 -18.23 14.32
CA PRO A 20 -2.25 -17.28 13.20
C PRO A 20 -1.89 -15.87 13.64
N ARG A 21 -1.06 -15.21 12.84
CA ARG A 21 -0.67 -13.83 13.10
C ARG A 21 -1.77 -12.89 12.66
N PHE A 22 -2.03 -11.85 13.45
CA PHE A 22 -3.02 -10.83 13.12
C PHE A 22 -2.36 -9.45 13.12
N ILE A 23 -2.52 -8.72 12.03
CA ILE A 23 -1.99 -7.37 11.85
C ILE A 23 -3.13 -6.43 11.47
N THR A 24 -3.07 -5.21 12.00
CA THR A 24 -3.92 -4.12 11.54
C THR A 24 -3.06 -2.90 11.27
N VAL A 25 -3.34 -2.21 10.16
CA VAL A 25 -2.82 -0.87 9.94
C VAL A 25 -3.96 0.07 9.60
N GLY A 26 -3.85 1.31 10.03
CA GLY A 26 -4.84 2.34 9.71
C GLY A 26 -4.18 3.47 8.94
N TYR A 27 -4.90 3.99 7.94
CA TYR A 27 -4.46 5.10 7.11
C TYR A 27 -5.51 6.20 7.08
N VAL A 28 -5.04 7.44 7.03
CA VAL A 28 -5.84 8.55 6.53
C VAL A 28 -5.19 8.97 5.22
N ASP A 29 -5.95 8.95 4.14
CA ASP A 29 -5.40 9.18 2.80
C ASP A 29 -4.21 8.26 2.61
N ASP A 30 -3.03 8.76 2.25
CA ASP A 30 -1.86 7.92 2.05
C ASP A 30 -0.89 7.99 3.24
N THR A 31 -1.41 8.29 4.44
CA THR A 31 -0.61 8.43 5.66
C THR A 31 -0.98 7.34 6.66
N LEU A 32 -0.03 6.45 6.94
CA LEU A 32 -0.19 5.46 7.99
C LEU A 32 -0.21 6.16 9.34
N PHE A 33 -1.17 5.82 10.19
CA PHE A 33 -1.23 6.47 11.49
C PHE A 33 -1.28 5.54 12.69
N VAL A 34 -1.58 4.25 12.51
CA VAL A 34 -1.64 3.32 13.64
C VAL A 34 -1.35 1.92 13.14
N ARG A 35 -0.78 1.10 14.02
CA ARG A 35 -0.51 -0.30 13.69
CA ARG A 35 -0.50 -0.30 13.69
C ARG A 35 -0.72 -1.18 14.92
N PHE A 36 -0.96 -2.46 14.64
CA PHE A 36 -1.04 -3.51 15.65
C PHE A 36 -0.49 -4.80 15.04
N ASP A 37 0.26 -5.56 15.83
CA ASP A 37 0.83 -6.85 15.37
C ASP A 37 0.80 -7.82 16.54
N SER A 38 0.08 -8.93 16.38
CA SER A 38 0.01 -9.92 17.45
C SER A 38 1.35 -10.59 17.74
N ASP A 39 2.32 -10.49 16.81
CA ASP A 39 3.66 -11.02 17.05
C ASP A 39 4.57 -10.05 17.78
N ALA A 40 4.12 -8.83 18.05
CA ALA A 40 4.94 -7.90 18.81
C ALA A 40 5.17 -8.43 20.23
N THR A 41 6.25 -7.96 20.85
CA THR A 41 6.60 -8.43 22.18
C THR A 41 5.47 -8.19 23.18
N SER A 42 4.85 -7.01 23.13
CA SER A 42 3.70 -6.68 23.97
C SER A 42 2.68 -6.03 23.04
N PRO A 43 1.82 -6.83 22.40
CA PRO A 43 0.95 -6.29 21.35
C PRO A 43 0.05 -5.17 21.85
N ARG A 44 0.13 -4.03 21.18
CA ARG A 44 -0.70 -2.88 21.48
C ARG A 44 -0.88 -2.09 20.20
N LYS A 45 -1.97 -1.34 20.11
CA LYS A 45 -2.08 -0.34 19.06
C LYS A 45 -1.04 0.74 19.32
N GLU A 46 -0.26 1.07 18.28
CA GLU A 46 0.84 2.02 18.40
C GLU A 46 0.69 3.17 17.41
N PRO A 47 1.01 4.38 17.83
CA PRO A 47 0.94 5.52 16.91
C PRO A 47 2.04 5.47 15.86
N ARG A 48 1.70 5.93 14.66
CA ARG A 48 2.68 6.04 13.59
C ARG A 48 2.66 7.40 12.89
N ALA A 49 1.87 8.35 13.39
CA ALA A 49 1.86 9.72 12.91
C ALA A 49 1.81 10.64 14.12
N PRO A 50 2.44 11.81 14.05
CA PRO A 50 2.49 12.67 15.23
C PRO A 50 1.13 13.14 15.72
N TRP A 51 0.17 13.35 14.81
CA TRP A 51 -1.11 13.94 15.20
C TRP A 51 -2.02 12.98 15.93
N ILE A 52 -1.74 11.67 15.92
CA ILE A 52 -2.53 10.72 16.68
C ILE A 52 -2.02 10.57 18.10
N GLU A 53 -0.81 11.06 18.39
CA GLU A 53 -0.21 10.87 19.70
C GLU A 53 -0.96 11.60 20.81
N GLN A 54 -1.73 12.63 20.46
CA GLN A 54 -2.47 13.38 21.46
C GLN A 54 -3.74 12.71 21.92
N GLU A 55 -4.16 11.61 21.27
CA GLU A 55 -5.29 10.86 21.78
C GLU A 55 -4.95 10.28 23.14
N GLY A 56 -5.91 10.31 24.05
CA GLY A 56 -5.66 10.00 25.44
C GLY A 56 -5.52 8.52 25.70
N PRO A 57 -5.21 8.18 26.95
CA PRO A 57 -5.01 6.76 27.32
C PRO A 57 -6.23 5.90 27.08
N GLU A 58 -7.43 6.44 27.26
CA GLU A 58 -8.64 5.66 27.01
C GLU A 58 -8.74 5.24 25.55
N TYR A 59 -8.36 6.14 24.63
CA TYR A 59 -8.32 5.81 23.21
C TYR A 59 -7.43 4.60 22.96
N TRP A 60 -6.21 4.63 23.50
CA TRP A 60 -5.26 3.55 23.22
C TRP A 60 -5.70 2.24 23.86
N ASP A 61 -6.27 2.30 25.06
CA ASP A 61 -6.78 1.08 25.68
C ASP A 61 -7.92 0.47 24.87
N ARG A 62 -8.85 1.31 24.42
CA ARG A 62 -9.99 0.80 23.64
C ARG A 62 -9.54 0.23 22.30
N GLU A 63 -8.66 0.95 21.60
CA GLU A 63 -8.17 0.49 20.31
C GLU A 63 -7.37 -0.81 20.45
N THR A 64 -6.55 -0.91 21.50
CA THR A 64 -5.82 -2.15 21.74
C THR A 64 -6.77 -3.30 22.03
N GLN A 65 -7.80 -3.07 22.85
CA GLN A 65 -8.74 -4.14 23.14
C GLN A 65 -9.45 -4.63 21.89
N ILE A 66 -9.84 -3.70 21.01
CA ILE A 66 -10.45 -4.10 19.74
C ILE A 66 -9.51 -5.03 18.98
N SER A 67 -8.23 -4.66 18.88
CA SER A 67 -7.30 -5.49 18.11
C SER A 67 -7.03 -6.83 18.77
N LYS A 68 -6.95 -6.86 20.10
CA LYS A 68 -6.74 -8.12 20.80
C LYS A 68 -7.93 -9.06 20.63
N THR A 69 -9.15 -8.51 20.70
CA THR A 69 -10.33 -9.32 20.41
C THR A 69 -10.29 -9.82 18.97
N ASN A 70 -9.88 -8.97 18.03
CA ASN A 70 -9.81 -9.36 16.64
C ASN A 70 -8.83 -10.50 16.40
N THR A 71 -7.71 -10.51 17.12
CA THR A 71 -6.77 -11.63 16.94
C THR A 71 -7.48 -12.96 17.15
N GLN A 72 -8.27 -13.06 18.24
CA GLN A 72 -8.99 -14.28 18.53
C GLN A 72 -10.12 -14.52 17.53
N CYS A 73 -10.86 -13.47 17.18
CA CYS A 73 -11.98 -13.60 16.25
CA CYS A 73 -11.97 -13.61 16.26
C CYS A 73 -11.50 -14.09 14.89
N TYR A 74 -10.39 -13.55 14.40
CA TYR A 74 -9.89 -13.92 13.08
C TYR A 74 -9.23 -15.29 13.06
N ARG A 75 -8.70 -15.76 14.21
CA ARG A 75 -8.32 -17.16 14.29
C ARG A 75 -9.53 -18.08 14.14
N GLU A 76 -10.65 -17.70 14.77
CA GLU A 76 -11.88 -18.46 14.56
C GLU A 76 -12.35 -18.38 13.11
N ASN A 77 -12.27 -17.20 12.50
CA ASN A 77 -12.68 -17.06 11.10
C ASN A 77 -11.85 -17.94 10.18
N LEU A 78 -10.54 -18.05 10.43
CA LEU A 78 -9.69 -18.93 9.63
C LEU A 78 -10.13 -20.39 9.75
N ARG A 79 -10.46 -20.82 10.98
CA ARG A 79 -10.94 -22.21 11.13
C ARG A 79 -12.26 -22.42 10.38
N THR A 80 -13.16 -21.44 10.45
CA THR A 80 -14.42 -21.53 9.74
C THR A 80 -14.21 -21.62 8.23
N ALA A 81 -13.33 -20.78 7.70
CA ALA A 81 -13.06 -20.80 6.26
C ALA A 81 -12.55 -22.17 5.81
N LEU A 82 -11.71 -22.81 6.64
CA LEU A 82 -11.29 -24.17 6.30
C LEU A 82 -12.49 -25.08 6.12
N ARG A 83 -13.45 -24.99 7.05
CA ARG A 83 -14.65 -25.82 6.88
C ARG A 83 -15.38 -25.48 5.59
N TYR A 84 -15.60 -24.18 5.32
CA TYR A 84 -16.44 -23.79 4.19
C TYR A 84 -15.84 -24.20 2.85
N TYR A 85 -14.53 -24.36 2.77
CA TYR A 85 -13.86 -24.72 1.52
C TYR A 85 -13.34 -26.15 1.53
N ASN A 86 -13.67 -26.93 2.55
CA ASN A 86 -13.28 -28.35 2.63
C ASN A 86 -11.76 -28.51 2.63
N GLN A 87 -11.07 -27.61 3.32
CA GLN A 87 -9.62 -27.57 3.28
C GLN A 87 -9.00 -28.25 4.50
N SER A 88 -7.76 -28.68 4.32
CA SER A 88 -6.99 -29.36 5.35
C SER A 88 -6.43 -28.37 6.36
N GLU A 89 -6.16 -28.87 7.56
CA GLU A 89 -5.55 -28.04 8.60
C GLU A 89 -4.04 -27.92 8.41
N ALA A 90 -3.48 -28.50 7.36
CA ALA A 90 -2.04 -28.47 7.14
C ALA A 90 -1.53 -27.23 6.41
N GLY A 91 -2.41 -26.53 5.68
CA GLY A 91 -1.96 -25.42 4.86
C GLY A 91 -2.08 -24.06 5.53
N SER A 92 -1.39 -23.09 4.97
CA SER A 92 -1.42 -21.72 5.43
C SER A 92 -2.39 -20.90 4.58
N HIS A 93 -3.22 -20.10 5.23
CA HIS A 93 -4.27 -19.33 4.56
C HIS A 93 -4.31 -17.92 5.13
N ILE A 94 -4.96 -17.02 4.40
CA ILE A 94 -4.98 -15.61 4.76
C ILE A 94 -6.39 -15.05 4.62
N ILE A 95 -6.86 -14.35 5.65
CA ILE A 95 -8.05 -13.50 5.55
C ILE A 95 -7.60 -12.05 5.57
N GLN A 96 -8.18 -11.25 4.69
CA GLN A 96 -7.93 -9.81 4.69
C GLN A 96 -9.25 -9.07 4.79
N ARG A 97 -9.19 -7.88 5.40
CA ARG A 97 -10.34 -7.00 5.48
C ARG A 97 -9.89 -5.57 5.24
N MET A 98 -10.70 -4.81 4.51
CA MET A 98 -10.53 -3.37 4.41
CA MET A 98 -10.53 -3.37 4.39
C MET A 98 -11.87 -2.72 4.70
N TYR A 99 -11.87 -1.75 5.61
CA TYR A 99 -13.12 -1.03 5.86
C TYR A 99 -12.82 0.42 6.18
N GLY A 100 -13.83 1.27 6.01
CA GLY A 100 -13.66 2.67 6.33
C GLY A 100 -14.59 3.54 5.50
N CYS A 101 -14.22 4.83 5.43
CA CYS A 101 -15.14 5.82 4.87
C CYS A 101 -14.39 6.87 4.08
N ASP A 102 -15.08 7.42 3.08
CA ASP A 102 -14.64 8.59 2.32
C ASP A 102 -15.61 9.72 2.64
N VAL A 103 -15.03 10.92 2.86
CA VAL A 103 -15.78 12.14 3.11
C VAL A 103 -15.40 13.20 2.07
N GLY A 104 -16.35 14.11 1.81
CA GLY A 104 -16.12 15.21 0.91
C GLY A 104 -15.50 16.40 1.62
N PRO A 105 -15.30 17.49 0.87
CA PRO A 105 -14.69 18.70 1.48
C PRO A 105 -15.48 19.25 2.64
N ASP A 106 -16.80 19.06 2.66
CA ASP A 106 -17.63 19.49 3.78
C ASP A 106 -17.64 18.50 4.95
N GLY A 107 -16.93 17.38 4.82
CA GLY A 107 -16.88 16.39 5.88
C GLY A 107 -18.02 15.40 5.90
N ARG A 108 -18.92 15.44 4.93
CA ARG A 108 -20.03 14.50 4.90
C ARG A 108 -19.62 13.19 4.25
N LEU A 109 -20.26 12.10 4.69
CA LEU A 109 -19.98 10.79 4.14
C LEU A 109 -20.24 10.76 2.64
N LEU A 110 -19.22 10.41 1.87
CA LEU A 110 -19.35 10.14 0.44
C LEU A 110 -19.64 8.67 0.21
N ARG A 111 -18.91 7.79 0.88
CA ARG A 111 -19.28 6.38 0.82
C ARG A 111 -18.52 5.58 1.86
N GLY A 112 -19.08 4.42 2.20
CA GLY A 112 -18.48 3.54 3.16
C GLY A 112 -18.12 2.21 2.54
N TYR A 113 -17.25 1.46 3.22
CA TYR A 113 -16.71 0.20 2.74
C TYR A 113 -16.57 -0.78 3.90
N ASP A 114 -16.83 -2.05 3.60
CA ASP A 114 -16.43 -3.14 4.49
C ASP A 114 -16.32 -4.40 3.62
N GLN A 115 -15.09 -4.78 3.29
CA GLN A 115 -14.93 -5.89 2.38
C GLN A 115 -13.82 -6.83 2.82
N TYR A 116 -13.96 -8.08 2.40
CA TYR A 116 -13.16 -9.18 2.91
C TYR A 116 -12.71 -10.05 1.75
N ALA A 117 -11.54 -10.67 1.95
CA ALA A 117 -10.95 -11.61 1.01
C ALA A 117 -10.44 -12.83 1.76
N TYR A 118 -10.40 -13.96 1.05
CA TYR A 118 -9.81 -15.19 1.54
C TYR A 118 -8.81 -15.67 0.49
N ASP A 119 -7.58 -15.90 0.93
CA ASP A 119 -6.48 -16.31 0.04
C ASP A 119 -6.33 -15.39 -1.17
N GLY A 120 -6.52 -14.10 -0.94
CA GLY A 120 -6.28 -13.09 -1.94
C GLY A 120 -7.40 -12.87 -2.93
N LYS A 121 -8.53 -13.54 -2.77
CA LYS A 121 -9.68 -13.40 -3.66
C LYS A 121 -10.86 -12.83 -2.89
N ASP A 122 -11.66 -12.02 -3.57
CA ASP A 122 -12.81 -11.45 -2.89
CA ASP A 122 -12.88 -11.46 -2.97
C ASP A 122 -13.69 -12.54 -2.29
N TYR A 123 -14.16 -12.27 -1.08
CA TYR A 123 -14.98 -13.19 -0.31
C TYR A 123 -16.37 -12.60 -0.11
N ILE A 124 -16.48 -11.48 0.61
CA ILE A 124 -17.78 -10.85 0.79
C ILE A 124 -17.56 -9.35 0.93
N ALA A 125 -18.52 -8.55 0.49
CA ALA A 125 -18.37 -7.11 0.57
C ALA A 125 -19.72 -6.45 0.86
N LEU A 126 -19.69 -5.43 1.71
CA LEU A 126 -20.86 -4.58 1.92
C LEU A 126 -21.09 -3.74 0.67
N ASN A 127 -22.31 -3.73 0.17
CA ASN A 127 -22.63 -2.93 -1.00
C ASN A 127 -22.66 -1.44 -0.63
N GLU A 128 -22.63 -0.60 -1.67
CA GLU A 128 -22.56 0.84 -1.44
C GLU A 128 -23.79 1.36 -0.70
N ASP A 129 -24.93 0.67 -0.81
CA ASP A 129 -26.12 1.03 -0.06
C ASP A 129 -25.96 0.86 1.45
N LEU A 130 -24.89 0.21 1.92
CA LEU A 130 -24.67 -0.05 3.34
C LEU A 130 -25.79 -0.86 3.96
N SER A 131 -26.47 -1.67 3.15
CA SER A 131 -27.63 -2.43 3.62
C SER A 131 -27.67 -3.87 3.09
N SER A 132 -26.82 -4.23 2.13
CA SER A 132 -26.84 -5.56 1.52
C SER A 132 -25.42 -5.97 1.20
N TRP A 133 -25.25 -7.25 0.89
CA TRP A 133 -23.93 -7.85 0.70
C TRP A 133 -23.81 -8.47 -0.68
N THR A 134 -22.58 -8.51 -1.18
CA THR A 134 -22.24 -9.29 -2.36
C THR A 134 -21.26 -10.37 -1.94
N ALA A 135 -21.67 -11.63 -2.09
CA ALA A 135 -20.87 -12.80 -1.78
C ALA A 135 -20.27 -13.37 -3.06
N ALA A 136 -18.99 -13.73 -3.01
CA ALA A 136 -18.29 -14.18 -4.21
C ALA A 136 -18.58 -15.62 -4.60
N ASP A 137 -19.02 -16.45 -3.66
CA ASP A 137 -19.15 -17.89 -3.91
C ASP A 137 -20.11 -18.47 -2.86
N THR A 138 -20.36 -19.78 -2.95
CA THR A 138 -21.33 -20.41 -2.05
C THR A 138 -20.85 -20.44 -0.60
N ALA A 139 -19.54 -20.46 -0.38
CA ALA A 139 -19.01 -20.37 0.97
C ALA A 139 -19.34 -19.02 1.58
N ALA A 140 -19.03 -17.93 0.87
CA ALA A 140 -19.34 -16.60 1.37
C ALA A 140 -20.84 -16.40 1.52
N GLN A 141 -21.65 -17.13 0.74
CA GLN A 141 -23.09 -17.05 0.92
C GLN A 141 -23.51 -17.57 2.29
N ILE A 142 -22.76 -18.54 2.84
CA ILE A 142 -23.06 -18.95 4.22
C ILE A 142 -22.86 -17.80 5.20
N THR A 143 -21.72 -17.09 5.08
CA THR A 143 -21.50 -15.91 5.90
C THR A 143 -22.58 -14.87 5.67
N GLN A 144 -22.96 -14.65 4.42
CA GLN A 144 -23.99 -13.67 4.09
C GLN A 144 -25.30 -13.98 4.82
N ARG A 145 -25.71 -15.25 4.79
CA ARG A 145 -26.93 -15.64 5.49
C ARG A 145 -26.83 -15.32 6.98
N LYS A 146 -25.68 -15.64 7.58
CA LYS A 146 -25.49 -15.31 9.00
C LYS A 146 -25.57 -13.81 9.25
N TRP A 147 -24.96 -13.02 8.39
CA TRP A 147 -24.87 -11.58 8.62
C TRP A 147 -26.21 -10.90 8.34
N GLU A 148 -27.00 -11.46 7.41
CA GLU A 148 -28.36 -10.99 7.22
C GLU A 148 -29.21 -11.29 8.44
N ALA A 149 -29.08 -12.50 8.99
CA ALA A 149 -29.87 -12.85 10.17
C ALA A 149 -29.53 -11.95 11.35
N ALA A 150 -28.27 -11.55 11.48
CA ALA A 150 -27.81 -10.73 12.60
C ALA A 150 -27.86 -9.23 12.31
N ARG A 151 -28.36 -8.82 11.14
CA ARG A 151 -28.45 -7.40 10.76
C ARG A 151 -27.10 -6.69 10.91
N VAL A 152 -26.05 -7.35 10.40
CA VAL A 152 -24.71 -6.79 10.47
C VAL A 152 -24.59 -5.52 9.65
N ALA A 153 -25.25 -5.49 8.48
CA ALA A 153 -25.13 -4.32 7.61
C ALA A 153 -25.58 -3.06 8.30
N GLU A 154 -26.67 -3.14 9.08
CA GLU A 154 -27.18 -1.97 9.79
C GLU A 154 -26.18 -1.49 10.84
N GLN A 155 -25.48 -2.42 11.48
CA GLN A 155 -24.49 -2.03 12.49
C GLN A 155 -23.28 -1.38 11.83
N ASP A 156 -22.80 -1.97 10.73
CA ASP A 156 -21.74 -1.34 9.93
C ASP A 156 -22.16 0.06 9.52
N ARG A 157 -23.39 0.21 9.03
CA ARG A 157 -23.84 1.51 8.55
C ARG A 157 -23.82 2.54 9.66
N ALA A 158 -24.27 2.15 10.87
CA ALA A 158 -24.23 3.09 11.98
C ALA A 158 -22.82 3.54 12.29
N TYR A 159 -21.85 2.63 12.21
CA TYR A 159 -20.45 3.05 12.40
C TYR A 159 -19.99 3.97 11.28
N LEU A 160 -20.25 3.58 10.03
CA LEU A 160 -19.69 4.31 8.89
C LEU A 160 -20.26 5.72 8.80
N GLU A 161 -21.54 5.89 9.15
CA GLU A 161 -22.18 7.20 9.12
C GLU A 161 -21.89 8.01 10.38
N GLY A 162 -21.38 7.38 11.43
CA GLY A 162 -21.16 8.05 12.70
C GLY A 162 -19.69 8.15 13.06
N LEU A 163 -19.23 7.20 13.87
CA LEU A 163 -17.87 7.26 14.41
C LEU A 163 -16.81 7.34 13.32
N CYS A 164 -17.01 6.65 12.18
CA CYS A 164 -16.00 6.69 11.12
C CYS A 164 -15.76 8.12 10.65
N VAL A 165 -16.83 8.83 10.29
CA VAL A 165 -16.69 10.17 9.77
C VAL A 165 -16.29 11.16 10.87
N GLU A 166 -16.82 10.96 12.09
CA GLU A 166 -16.49 11.87 13.19
C GLU A 166 -15.00 11.80 13.55
N SER A 167 -14.48 10.59 13.66
CA SER A 167 -13.06 10.44 13.99
C SER A 167 -12.19 10.94 12.84
N LEU A 168 -12.57 10.66 11.59
CA LEU A 168 -11.78 11.18 10.47
C LEU A 168 -11.76 12.71 10.47
N ARG A 169 -12.90 13.35 10.75
CA ARG A 169 -12.92 14.80 10.82
C ARG A 169 -11.97 15.31 11.90
N ARG A 170 -11.96 14.66 13.07
CA ARG A 170 -11.05 15.07 14.13
C ARG A 170 -9.59 14.90 13.71
N TYR A 171 -9.26 13.78 13.06
CA TYR A 171 -7.87 13.54 12.65
C TYR A 171 -7.45 14.57 11.62
N LEU A 172 -8.34 14.93 10.70
CA LEU A 172 -8.00 15.93 9.68
C LEU A 172 -7.72 17.28 10.33
N GLU A 173 -8.48 17.63 11.38
CA GLU A 173 -8.19 18.88 12.08
C GLU A 173 -6.86 18.81 12.83
N ASN A 174 -6.66 17.74 13.62
CA ASN A 174 -5.43 17.62 14.39
C ASN A 174 -4.20 17.49 13.50
N GLY A 175 -4.35 16.90 12.31
CA GLY A 175 -3.25 16.76 11.39
C GLY A 175 -3.29 17.73 10.23
N LYS A 176 -3.91 18.90 10.40
CA LYS A 176 -4.14 19.80 9.27
C LYS A 176 -2.85 20.34 8.64
N GLU A 177 -1.73 20.30 9.36
CA GLU A 177 -0.48 20.76 8.77
C GLU A 177 0.03 19.82 7.68
N THR A 178 -0.29 18.53 7.78
CA THR A 178 0.21 17.51 6.86
C THR A 178 -0.91 16.87 6.04
N LEU A 179 -1.97 16.42 6.71
CA LEU A 179 -3.05 15.74 6.00
C LEU A 179 -3.74 16.65 5.01
N GLN A 180 -3.76 17.95 5.28
CA GLN A 180 -4.39 18.93 4.40
C GLN A 180 -3.38 19.71 3.58
N ARG A 181 -2.19 19.15 3.36
CA ARG A 181 -1.19 19.77 2.52
C ARG A 181 -0.84 18.83 1.39
N ALA A 182 -1.06 19.28 0.16
CA ALA A 182 -0.56 18.57 -1.01
C ALA A 182 0.82 19.10 -1.34
N ASP A 183 1.74 18.19 -1.61
CA ASP A 183 3.07 18.55 -2.08
C ASP A 183 3.14 18.24 -3.57
N PRO A 184 3.32 19.24 -4.44
CA PRO A 184 3.29 18.98 -5.88
C PRO A 184 4.54 18.22 -6.30
N PRO A 185 4.48 17.50 -7.42
CA PRO A 185 5.68 16.83 -7.92
C PRO A 185 6.71 17.82 -8.40
N LYS A 186 7.98 17.50 -8.14
CA LYS A 186 9.12 18.11 -8.80
C LYS A 186 9.40 17.28 -10.04
N THR A 187 9.39 17.92 -11.21
CA THR A 187 9.38 17.19 -12.47
C THR A 187 10.57 17.56 -13.33
N HIS A 188 11.05 16.56 -14.08
CA HIS A 188 12.10 16.82 -15.06
C HIS A 188 12.19 15.67 -16.04
N VAL A 189 12.85 15.91 -17.18
CA VAL A 189 13.05 14.89 -18.21
C VAL A 189 14.54 14.58 -18.30
N THR A 190 14.87 13.30 -18.35
CA THR A 190 16.23 12.85 -18.60
C THR A 190 16.32 12.11 -19.94
N HIS A 191 17.54 12.02 -20.44
CA HIS A 191 17.85 11.60 -21.80
C HIS A 191 18.94 10.55 -21.73
N HIS A 192 18.68 9.37 -22.26
CA HIS A 192 19.59 8.23 -22.14
C HIS A 192 19.74 7.55 -23.51
N PRO A 193 20.79 7.84 -24.26
CA PRO A 193 21.00 7.14 -25.54
C PRO A 193 21.08 5.63 -25.33
N ILE A 194 20.39 4.90 -26.20
CA ILE A 194 20.39 3.44 -26.21
C ILE A 194 21.35 2.89 -27.25
N SER A 195 21.38 3.52 -28.41
CA SER A 195 22.20 3.11 -29.53
C SER A 195 22.33 4.33 -30.43
N ASP A 196 22.95 4.14 -31.60
CA ASP A 196 22.99 5.22 -32.58
C ASP A 196 21.60 5.67 -32.97
N HIS A 197 20.62 4.77 -32.89
CA HIS A 197 19.33 4.96 -33.54
C HIS A 197 18.21 5.40 -32.59
N GLU A 198 18.38 5.21 -31.29
CA GLU A 198 17.28 5.38 -30.34
C GLU A 198 17.78 5.95 -29.02
N VAL A 199 16.90 6.68 -28.35
CA VAL A 199 17.18 7.24 -27.03
CA VAL A 199 17.17 7.29 -27.05
C VAL A 199 15.96 7.06 -26.14
N THR A 200 16.21 6.88 -24.85
CA THR A 200 15.13 6.85 -23.86
C THR A 200 14.94 8.25 -23.30
N LEU A 201 13.70 8.74 -23.36
CA LEU A 201 13.30 9.92 -22.61
C LEU A 201 12.52 9.45 -21.40
N ARG A 202 12.93 9.89 -20.21
CA ARG A 202 12.29 9.48 -18.97
C ARG A 202 11.78 10.73 -18.26
N CYS A 203 10.48 10.77 -18.00
CA CYS A 203 9.85 11.88 -17.31
C CYS A 203 9.64 11.49 -15.86
N TRP A 204 10.15 12.32 -14.96
CA TRP A 204 10.22 12.05 -13.53
C TRP A 204 9.29 12.97 -12.78
N ALA A 205 8.59 12.40 -11.79
CA ALA A 205 7.84 13.13 -10.77
C ALA A 205 8.33 12.65 -9.41
N LEU A 206 8.79 13.59 -8.58
CA LEU A 206 9.41 13.26 -7.30
C LEU A 206 8.83 14.13 -6.19
N GLY A 207 8.77 13.57 -4.99
CA GLY A 207 8.47 14.40 -3.83
C GLY A 207 7.03 14.80 -3.66
N PHE A 208 6.11 14.06 -4.26
CA PHE A 208 4.70 14.46 -4.24
C PHE A 208 3.88 13.72 -3.20
N TYR A 209 2.81 14.37 -2.75
CA TYR A 209 1.85 13.81 -1.79
C TYR A 209 0.53 14.50 -2.10
N PRO A 210 -0.59 13.76 -2.20
CA PRO A 210 -0.72 12.31 -2.05
C PRO A 210 -0.21 11.54 -3.27
N ALA A 211 -0.40 10.22 -3.24
CA ALA A 211 0.23 9.35 -4.24
C ALA A 211 -0.42 9.45 -5.62
N GLU A 212 -1.71 9.78 -5.69
CA GLU A 212 -2.40 9.82 -6.97
C GLU A 212 -1.76 10.82 -7.92
N ILE A 213 -1.45 10.38 -9.14
CA ILE A 213 -0.78 11.22 -10.12
C ILE A 213 -1.02 10.60 -11.49
N THR A 214 -0.97 11.44 -12.53
CA THR A 214 -1.00 10.96 -13.90
C THR A 214 0.21 11.49 -14.65
N LEU A 215 0.97 10.58 -15.26
CA LEU A 215 2.12 10.92 -16.09
C LEU A 215 1.92 10.25 -17.43
N THR A 216 1.94 11.04 -18.50
CA THR A 216 1.79 10.49 -19.84
C THR A 216 2.79 11.12 -20.79
N TRP A 217 3.09 10.41 -21.86
CA TRP A 217 3.88 10.92 -22.97
C TRP A 217 2.99 11.04 -24.20
N GLN A 218 3.20 12.11 -24.96
CA GLN A 218 2.56 12.31 -26.25
C GLN A 218 3.64 12.48 -27.30
N ARG A 219 3.32 11.99 -28.51
CA ARG A 219 4.13 12.20 -29.70
C ARG A 219 3.25 12.91 -30.72
N ASP A 220 3.67 14.08 -31.18
CA ASP A 220 2.85 14.92 -32.06
C ASP A 220 1.46 15.14 -31.47
N GLY A 221 1.37 15.26 -30.14
CA GLY A 221 0.10 15.50 -29.49
C GLY A 221 -0.80 14.29 -29.34
N GLU A 222 -0.32 13.09 -29.62
CA GLU A 222 -1.09 11.86 -29.49
C GLU A 222 -0.53 11.02 -28.34
N ASP A 223 -1.40 10.58 -27.44
CA ASP A 223 -0.97 9.80 -26.29
C ASP A 223 -0.27 8.52 -26.74
N GLN A 224 0.80 8.15 -26.04
CA GLN A 224 1.64 7.01 -26.41
C GLN A 224 1.42 5.85 -25.45
N THR A 225 0.16 5.46 -25.24
CA THR A 225 -0.16 4.50 -24.18
C THR A 225 0.60 3.19 -24.36
N GLN A 226 0.52 2.60 -25.56
CA GLN A 226 1.14 1.30 -25.79
C GLN A 226 2.66 1.36 -25.81
N ASP A 227 3.25 2.53 -25.98
CA ASP A 227 4.70 2.66 -26.14
C ASP A 227 5.39 3.26 -24.93
N THR A 228 4.66 3.43 -23.82
CA THR A 228 5.21 4.06 -22.62
C THR A 228 5.43 3.00 -21.56
N GLU A 229 6.63 2.98 -20.98
CA GLU A 229 6.90 2.19 -19.79
C GLU A 229 6.63 3.05 -18.56
N LEU A 230 5.71 2.59 -17.72
CA LEU A 230 5.23 3.36 -16.57
C LEU A 230 5.43 2.51 -15.32
N VAL A 231 6.31 2.96 -14.42
CA VAL A 231 6.53 2.20 -13.19
C VAL A 231 5.43 2.53 -12.17
N GLU A 232 5.18 1.57 -11.28
CA GLU A 232 4.24 1.80 -10.20
C GLU A 232 4.72 2.95 -9.33
N THR A 233 3.80 3.79 -8.89
CA THR A 233 4.11 4.84 -7.94
C THR A 233 4.69 4.20 -6.67
N ARG A 234 5.76 4.78 -6.16
CA ARG A 234 6.54 4.14 -5.12
C ARG A 234 6.86 5.11 -4.00
N PRO A 235 6.94 4.64 -2.76
CA PRO A 235 7.18 5.55 -1.63
C PRO A 235 8.65 5.92 -1.51
N ALA A 236 8.89 7.20 -1.23
CA ALA A 236 10.27 7.65 -1.01
C ALA A 236 10.78 7.36 0.40
N GLY A 237 9.87 7.22 1.37
CA GLY A 237 10.23 7.02 2.76
C GLY A 237 10.15 8.27 3.62
N ASP A 238 9.89 9.43 3.03
CA ASP A 238 9.75 10.70 3.73
C ASP A 238 8.32 11.22 3.68
N ARG A 239 7.36 10.31 3.45
CA ARG A 239 5.92 10.54 3.25
C ARG A 239 5.57 10.72 1.78
N THR A 240 6.52 11.12 0.95
CA THR A 240 6.22 11.45 -0.43
C THR A 240 6.40 10.23 -1.34
N PHE A 241 6.04 10.43 -2.61
CA PHE A 241 6.04 9.38 -3.60
C PHE A 241 6.83 9.82 -4.82
N GLN A 242 7.14 8.81 -5.66
CA GLN A 242 7.90 8.97 -6.89
C GLN A 242 7.25 8.17 -8.00
N LYS A 243 7.42 8.64 -9.24
CA LYS A 243 6.96 7.89 -10.40
C LYS A 243 7.75 8.37 -11.62
N TRP A 244 7.92 7.47 -12.58
CA TRP A 244 8.47 7.88 -13.87
C TRP A 244 7.76 7.16 -15.00
N ALA A 245 7.83 7.79 -16.18
CA ALA A 245 7.31 7.25 -17.44
C ALA A 245 8.36 7.44 -18.52
N ALA A 246 8.59 6.42 -19.33
CA ALA A 246 9.66 6.47 -20.32
C ALA A 246 9.17 6.06 -21.70
N VAL A 247 9.74 6.68 -22.72
CA VAL A 247 9.50 6.31 -24.11
C VAL A 247 10.84 6.16 -24.81
N VAL A 248 10.89 5.22 -25.75
CA VAL A 248 12.03 5.04 -26.66
C VAL A 248 11.71 5.79 -27.94
N VAL A 249 12.59 6.73 -28.31
CA VAL A 249 12.32 7.62 -29.43
C VAL A 249 13.48 7.58 -30.43
N PRO A 250 13.21 7.79 -31.72
CA PRO A 250 14.30 7.84 -32.70
C PRO A 250 15.21 9.02 -32.44
N SER A 251 16.51 8.80 -32.65
CA SER A 251 17.49 9.87 -32.50
C SER A 251 17.11 11.07 -33.36
N GLY A 252 17.18 12.26 -32.76
CA GLY A 252 16.84 13.47 -33.44
C GLY A 252 15.38 13.88 -33.37
N GLU A 253 14.51 13.00 -32.88
CA GLU A 253 13.07 13.28 -32.84
C GLU A 253 12.58 13.68 -31.45
N GLU A 254 13.49 14.03 -30.54
CA GLU A 254 13.12 14.28 -29.16
C GLU A 254 12.06 15.39 -29.03
N GLN A 255 12.10 16.39 -29.90
CA GLN A 255 11.20 17.52 -29.74
C GLN A 255 9.76 17.21 -30.14
N ARG A 256 9.50 16.06 -30.76
CA ARG A 256 8.13 15.67 -31.04
C ARG A 256 7.41 15.12 -29.82
N TYR A 257 8.11 14.96 -28.71
CA TYR A 257 7.57 14.29 -27.53
C TYR A 257 7.37 15.26 -26.39
N THR A 258 6.24 15.13 -25.70
CA THR A 258 5.94 15.97 -24.54
C THR A 258 5.44 15.07 -23.41
N CYS A 259 5.84 15.38 -22.19
CA CYS A 259 5.36 14.70 -21.00
C CYS A 259 4.33 15.57 -20.31
N HIS A 260 3.28 14.95 -19.79
CA HIS A 260 2.15 15.64 -19.21
C HIS A 260 1.92 15.10 -17.81
N VAL A 261 1.80 16.02 -16.84
CA VAL A 261 1.73 15.68 -15.42
C VAL A 261 0.47 16.30 -14.83
N GLN A 262 -0.32 15.48 -14.15
CA GLN A 262 -1.48 15.94 -13.41
C GLN A 262 -1.36 15.47 -11.97
N HIS A 263 -1.56 16.41 -11.04
CA HIS A 263 -1.49 16.13 -9.62
C HIS A 263 -2.26 17.20 -8.89
N GLU A 264 -2.88 16.83 -7.76
CA GLU A 264 -3.74 17.78 -7.08
C GLU A 264 -2.98 18.99 -6.52
N GLY A 265 -1.67 18.86 -6.31
CA GLY A 265 -0.86 20.00 -5.87
C GLY A 265 -0.48 20.97 -6.97
N LEU A 266 -0.79 20.65 -8.24
CA LEU A 266 -0.51 21.53 -9.35
C LEU A 266 -1.77 22.31 -9.70
N PRO A 267 -1.73 23.65 -9.71
CA PRO A 267 -2.93 24.40 -10.10
C PRO A 267 -3.35 24.16 -11.54
N LYS A 268 -2.41 23.85 -12.41
CA LYS A 268 -2.66 23.52 -13.80
C LYS A 268 -1.78 22.35 -14.19
N PRO A 269 -2.25 21.45 -15.04
CA PRO A 269 -1.40 20.35 -15.51
C PRO A 269 -0.16 20.89 -16.20
N LEU A 270 0.94 20.14 -16.07
CA LEU A 270 2.23 20.56 -16.58
C LEU A 270 2.54 19.84 -17.90
N THR A 271 3.21 20.55 -18.80
CA THR A 271 3.80 19.98 -20.00
C THR A 271 5.30 20.20 -19.94
N LEU A 272 6.06 19.13 -20.16
CA LEU A 272 7.52 19.16 -20.12
C LEU A 272 8.07 18.56 -21.40
N ARG A 273 9.29 18.96 -21.74
CA ARG A 273 10.00 18.36 -22.86
C ARG A 273 11.47 18.26 -22.50
N TRP A 274 12.18 17.43 -23.25
CA TRP A 274 13.62 17.35 -23.11
C TRP A 274 14.23 18.69 -23.49
N ILE B 2 -2.99 -19.17 -7.97
CA ILE B 2 -3.54 -18.66 -6.72
C ILE B 2 -2.52 -17.79 -5.99
N GLN B 3 -1.32 -17.67 -6.57
CA GLN B 3 -0.26 -16.87 -5.99
C GLN B 3 0.20 -15.81 -6.99
N ARG B 4 0.79 -14.75 -6.47
CA ARG B 4 1.23 -13.61 -7.27
C ARG B 4 2.66 -13.25 -6.88
N THR B 5 3.51 -13.10 -7.90
CA THR B 5 4.93 -12.88 -7.67
C THR B 5 5.22 -11.39 -7.46
N PRO B 6 6.24 -11.04 -6.66
CA PRO B 6 6.48 -9.62 -6.37
C PRO B 6 7.05 -8.87 -7.57
N LYS B 7 6.55 -7.65 -7.75
CA LYS B 7 7.27 -6.60 -8.46
C LYS B 7 8.29 -6.01 -7.51
N ILE B 8 9.42 -5.57 -8.08
CA ILE B 8 10.57 -5.09 -7.31
C ILE B 8 11.10 -3.82 -7.94
N GLN B 9 11.22 -2.75 -7.15
CA GLN B 9 11.95 -1.56 -7.58
C GLN B 9 13.02 -1.22 -6.55
N VAL B 10 14.22 -0.89 -7.01
CA VAL B 10 15.32 -0.48 -6.15
C VAL B 10 15.72 0.93 -6.55
N TYR B 11 15.78 1.83 -5.57
CA TYR B 11 15.92 3.25 -5.90
C TYR B 11 16.35 4.01 -4.66
N SER B 12 16.66 5.29 -4.82
CA SER B 12 17.05 6.11 -3.69
C SER B 12 15.96 7.12 -3.35
N ARG B 13 15.98 7.58 -2.10
CA ARG B 13 14.99 8.56 -1.65
C ARG B 13 15.17 9.89 -2.37
N HIS B 14 16.41 10.33 -2.54
CA HIS B 14 16.76 11.55 -3.23
C HIS B 14 17.66 11.21 -4.42
N PRO B 15 17.74 12.07 -5.41
CA PRO B 15 18.69 11.85 -6.52
C PRO B 15 20.09 11.60 -5.98
N ALA B 16 20.72 10.55 -6.49
CA ALA B 16 22.02 10.14 -5.98
C ALA B 16 23.07 11.18 -6.31
N GLU B 17 23.90 11.51 -5.32
CA GLU B 17 25.08 12.33 -5.50
C GLU B 17 26.20 11.69 -4.72
N ASN B 18 27.28 11.32 -5.42
CA ASN B 18 28.36 10.58 -4.79
C ASN B 18 28.91 11.32 -3.58
N GLY B 19 29.06 10.61 -2.47
CA GLY B 19 29.58 11.18 -1.25
C GLY B 19 28.55 11.83 -0.34
N LYS B 20 27.27 11.85 -0.74
CA LYS B 20 26.22 12.46 0.05
C LYS B 20 25.28 11.39 0.57
N SER B 21 24.98 11.46 1.87
CA SER B 21 24.11 10.46 2.49
C SER B 21 22.71 10.52 1.88
N ASN B 22 22.04 9.38 1.92
CA ASN B 22 20.80 9.15 1.19
C ASN B 22 20.15 7.91 1.80
N PHE B 23 19.04 7.48 1.22
CA PHE B 23 18.39 6.23 1.61
C PHE B 23 18.24 5.34 0.41
N LEU B 24 18.60 4.07 0.57
CA LEU B 24 18.41 3.03 -0.43
C LEU B 24 17.12 2.29 -0.08
N ASN B 25 16.22 2.21 -1.06
CA ASN B 25 14.90 1.63 -0.91
C ASN B 25 14.76 0.44 -1.84
N CYS B 26 14.10 -0.60 -1.35
CA CYS B 26 13.61 -1.70 -2.16
C CYS B 26 12.14 -1.84 -1.88
N TYR B 27 11.32 -1.54 -2.88
CA TYR B 27 9.87 -1.60 -2.77
C TYR B 27 9.40 -2.86 -3.46
N VAL B 28 8.75 -3.75 -2.69
CA VAL B 28 8.20 -4.99 -3.22
C VAL B 28 6.69 -4.89 -3.14
N SER B 29 6.01 -5.27 -4.22
CA SER B 29 4.57 -5.04 -4.27
C SER B 29 3.91 -6.07 -5.16
N GLY B 30 2.58 -6.14 -5.07
CA GLY B 30 1.83 -7.01 -5.96
C GLY B 30 1.93 -8.48 -5.66
N PHE B 31 2.40 -8.86 -4.48
CA PHE B 31 2.63 -10.27 -4.18
C PHE B 31 1.56 -10.85 -3.26
N HIS B 32 1.40 -12.15 -3.33
CA HIS B 32 0.49 -12.91 -2.48
C HIS B 32 0.95 -14.35 -2.55
N PRO B 33 1.11 -15.05 -1.41
CA PRO B 33 0.84 -14.64 -0.02
C PRO B 33 1.88 -13.66 0.53
N SER B 34 1.76 -13.34 1.82
CA SER B 34 2.47 -12.20 2.40
C SER B 34 3.90 -12.51 2.79
N ASP B 35 4.26 -13.76 3.06
CA ASP B 35 5.63 -14.08 3.46
C ASP B 35 6.59 -13.72 2.33
N ILE B 36 7.63 -12.97 2.66
CA ILE B 36 8.62 -12.55 1.67
C ILE B 36 9.91 -12.26 2.42
N GLU B 37 11.04 -12.49 1.75
CA GLU B 37 12.35 -12.19 2.33
C GLU B 37 13.07 -11.21 1.43
N VAL B 38 13.60 -10.14 2.02
CA VAL B 38 14.28 -9.09 1.25
C VAL B 38 15.59 -8.75 1.94
N ASP B 39 16.69 -8.78 1.18
CA ASP B 39 17.99 -8.32 1.63
C ASP B 39 18.41 -7.13 0.76
N LEU B 40 19.05 -6.14 1.38
CA LEU B 40 19.76 -5.11 0.63
C LEU B 40 21.23 -5.47 0.65
N LEU B 41 21.89 -5.34 -0.50
CA LEU B 41 23.26 -5.78 -0.70
C LEU B 41 24.13 -4.59 -1.10
N LYS B 42 25.31 -4.54 -0.50
CA LYS B 42 26.38 -3.62 -0.88
C LYS B 42 27.55 -4.47 -1.36
N ASN B 43 27.89 -4.35 -2.64
CA ASN B 43 28.96 -5.14 -3.24
C ASN B 43 28.77 -6.63 -3.01
N GLY B 44 27.52 -7.08 -3.14
CA GLY B 44 27.18 -8.48 -3.03
C GLY B 44 26.94 -9.00 -1.63
N GLU B 45 27.18 -8.19 -0.60
CA GLU B 45 27.08 -8.63 0.79
C GLU B 45 25.92 -7.95 1.48
N ARG B 46 25.30 -8.68 2.42
CA ARG B 46 24.08 -8.20 3.05
C ARG B 46 24.37 -7.02 3.98
N ILE B 47 23.56 -5.98 3.86
CA ILE B 47 23.59 -4.84 4.76
C ILE B 47 22.80 -5.21 6.02
N GLU B 48 23.39 -4.96 7.18
CA GLU B 48 22.76 -5.33 8.44
C GLU B 48 21.78 -4.26 8.91
N LYS B 49 20.81 -4.69 9.71
CA LYS B 49 19.87 -3.78 10.39
C LYS B 49 18.99 -2.98 9.43
N VAL B 50 18.64 -3.56 8.28
CA VAL B 50 17.70 -2.93 7.37
C VAL B 50 16.32 -2.92 8.00
N GLU B 51 15.60 -1.81 7.84
CA GLU B 51 14.25 -1.66 8.38
C GLU B 51 13.22 -1.84 7.26
N HIS B 52 11.98 -2.12 7.67
CA HIS B 52 10.90 -2.26 6.69
C HIS B 52 9.60 -1.72 7.25
N SER B 53 8.68 -1.42 6.34
CA SER B 53 7.39 -0.85 6.68
C SER B 53 6.45 -1.93 7.22
N ASP B 54 5.30 -1.48 7.68
CA ASP B 54 4.27 -2.37 8.20
C ASP B 54 3.44 -2.93 7.05
N LEU B 55 3.13 -4.22 7.13
CA LEU B 55 2.47 -4.93 6.04
C LEU B 55 1.14 -4.29 5.69
N SER B 56 0.98 -3.94 4.42
CA SER B 56 -0.26 -3.36 3.92
CA SER B 56 -0.22 -3.30 3.90
C SER B 56 -0.58 -3.98 2.57
N PHE B 57 -1.74 -3.64 2.03
CA PHE B 57 -2.14 -4.23 0.76
C PHE B 57 -2.95 -3.25 -0.09
N SER B 58 -3.04 -3.58 -1.37
CA SER B 58 -3.66 -2.75 -2.40
C SER B 58 -5.10 -3.17 -2.63
N LYS B 59 -5.76 -2.46 -3.55
CA LYS B 59 -7.17 -2.72 -3.82
C LYS B 59 -7.42 -4.13 -4.33
N ASP B 60 -6.44 -4.73 -5.01
CA ASP B 60 -6.57 -6.09 -5.51
C ASP B 60 -6.13 -7.13 -4.50
N TRP B 61 -5.91 -6.73 -3.25
CA TRP B 61 -5.54 -7.57 -2.12
C TRP B 61 -4.06 -7.95 -2.10
N SER B 62 -3.28 -7.55 -3.10
CA SER B 62 -1.87 -7.91 -3.10
C SER B 62 -1.10 -7.02 -2.14
N PHE B 63 -0.04 -7.58 -1.56
CA PHE B 63 0.70 -6.93 -0.49
C PHE B 63 1.82 -6.04 -1.02
N TYR B 64 2.25 -5.10 -0.18
CA TYR B 64 3.41 -4.29 -0.50
C TYR B 64 4.17 -3.95 0.78
N LEU B 65 5.49 -3.79 0.62
CA LEU B 65 6.42 -3.50 1.71
C LEU B 65 7.56 -2.65 1.16
N LEU B 66 8.05 -1.72 1.99
CA LEU B 66 9.25 -0.94 1.70
C LEU B 66 10.36 -1.38 2.64
N TYR B 67 11.51 -1.79 2.10
CA TYR B 67 12.72 -2.03 2.88
C TYR B 67 13.70 -0.89 2.61
N TYR B 68 14.40 -0.43 3.64
CA TYR B 68 15.20 0.76 3.44
C TYR B 68 16.37 0.83 4.41
N THR B 69 17.42 1.52 3.99
CA THR B 69 18.57 1.73 4.85
C THR B 69 19.31 2.99 4.42
N GLU B 70 20.01 3.62 5.36
CA GLU B 70 20.86 4.75 5.00
C GLU B 70 22.05 4.27 4.21
N PHE B 71 22.47 5.06 3.22
CA PHE B 71 23.67 4.73 2.47
C PHE B 71 24.26 5.98 1.87
N THR B 72 25.56 5.93 1.59
CA THR B 72 26.26 7.02 0.90
C THR B 72 26.80 6.48 -0.40
N PRO B 73 26.13 6.74 -1.53
CA PRO B 73 26.59 6.17 -2.80
C PRO B 73 27.92 6.74 -3.23
N THR B 74 28.70 5.92 -3.94
CA THR B 74 29.96 6.32 -4.54
C THR B 74 29.94 5.92 -6.01
N GLU B 75 31.06 6.17 -6.69
CA GLU B 75 31.14 5.81 -8.11
C GLU B 75 31.23 4.30 -8.29
N LYS B 76 31.99 3.62 -7.45
CA LYS B 76 32.31 2.21 -7.68
C LYS B 76 31.47 1.23 -6.87
N ASP B 77 30.89 1.66 -5.75
CA ASP B 77 30.11 0.75 -4.92
C ASP B 77 28.83 0.35 -5.64
N GLU B 78 28.53 -0.95 -5.64
CA GLU B 78 27.33 -1.49 -6.25
C GLU B 78 26.33 -1.88 -5.17
N TYR B 79 25.07 -1.56 -5.40
CA TYR B 79 24.01 -1.90 -4.48
C TYR B 79 22.94 -2.69 -5.22
N ALA B 80 22.20 -3.50 -4.46
CA ALA B 80 21.18 -4.35 -5.06
C ALA B 80 20.18 -4.75 -4.00
N CYS B 81 19.09 -5.35 -4.45
CA CYS B 81 18.07 -5.95 -3.60
CA CYS B 81 18.12 -5.98 -3.57
C CYS B 81 17.91 -7.41 -4.02
N ARG B 82 17.76 -8.30 -3.04
CA ARG B 82 17.58 -9.72 -3.29
C ARG B 82 16.30 -10.15 -2.61
N VAL B 83 15.40 -10.76 -3.38
CA VAL B 83 14.04 -11.04 -2.93
C VAL B 83 13.77 -12.52 -3.10
N ASN B 84 13.18 -13.14 -2.08
CA ASN B 84 12.69 -14.50 -2.18
C ASN B 84 11.22 -14.54 -1.78
N HIS B 85 10.48 -15.40 -2.48
CA HIS B 85 9.03 -15.54 -2.33
C HIS B 85 8.68 -16.92 -2.83
N VAL B 86 7.56 -17.46 -2.34
CA VAL B 86 7.17 -18.83 -2.70
C VAL B 86 7.03 -18.99 -4.21
N THR B 87 6.71 -17.90 -4.92
CA THR B 87 6.54 -17.95 -6.37
C THR B 87 7.85 -18.05 -7.13
N LEU B 88 8.99 -17.90 -6.47
CA LEU B 88 10.29 -17.83 -7.13
C LEU B 88 11.06 -19.11 -6.86
N SER B 89 11.57 -19.73 -7.93
CA SER B 89 12.39 -20.93 -7.78
C SER B 89 13.79 -20.59 -7.29
N GLN B 90 14.26 -19.38 -7.57
CA GLN B 90 15.54 -18.87 -7.10
C GLN B 90 15.33 -17.43 -6.67
N PRO B 91 16.13 -16.92 -5.72
CA PRO B 91 16.00 -15.51 -5.35
C PRO B 91 16.29 -14.60 -6.54
N LYS B 92 15.56 -13.50 -6.60
CA LYS B 92 15.67 -12.53 -7.69
C LYS B 92 16.49 -11.34 -7.20
N ILE B 93 17.52 -10.98 -7.96
CA ILE B 93 18.40 -9.87 -7.62
C ILE B 93 18.15 -8.76 -8.62
N VAL B 94 17.82 -7.57 -8.11
CA VAL B 94 17.67 -6.37 -8.92
C VAL B 94 18.74 -5.38 -8.49
N LYS B 95 19.59 -4.99 -9.43
CA LYS B 95 20.67 -4.06 -9.12
C LYS B 95 20.14 -2.64 -9.09
N TRP B 96 20.71 -1.81 -8.20
CA TRP B 96 20.36 -0.40 -8.17
C TRP B 96 21.00 0.33 -9.35
N ASP B 97 20.16 1.07 -10.08
CA ASP B 97 20.57 1.95 -11.17
C ASP B 97 20.09 3.34 -10.79
N ARG B 98 21.03 4.27 -10.59
CA ARG B 98 20.66 5.60 -10.10
C ARG B 98 19.76 6.37 -11.07
N ASP B 99 19.63 5.91 -12.31
CA ASP B 99 18.79 6.56 -13.31
C ASP B 99 17.40 5.95 -13.42
N MET B 100 17.04 5.03 -12.53
CA MET B 100 15.70 4.41 -12.58
C MET B 100 15.00 4.38 -11.22
N GLU C 1 -10.74 6.04 14.37
CA GLU C 1 -11.17 5.08 15.38
C GLU C 1 -11.83 3.88 14.73
N GLU C 2 -11.49 2.68 15.22
CA GLU C 2 -12.04 1.45 14.67
C GLU C 2 -13.47 1.21 15.14
N PHE C 3 -14.17 0.36 14.39
CA PHE C 3 -15.46 -0.18 14.78
C PHE C 3 -15.20 -1.33 15.75
N GLY C 4 -15.79 -1.27 16.93
CA GLY C 4 -15.53 -2.24 17.98
C GLY C 4 -16.38 -3.51 17.95
N ARG C 5 -17.16 -3.74 16.90
CA ARG C 5 -17.97 -4.94 16.79
C ARG C 5 -17.42 -5.80 15.66
N ALA C 6 -17.12 -7.06 15.97
CA ALA C 6 -16.69 -8.05 15.00
C ALA C 6 -17.78 -9.09 14.82
N PHE C 7 -17.93 -9.60 13.61
CA PHE C 7 -18.97 -10.58 13.31
C PHE C 7 -18.34 -11.81 12.67
N SER C 8 -18.68 -12.98 13.21
CA SER C 8 -18.03 -14.23 12.81
C SER C 8 -18.41 -14.63 11.39
N PHE C 9 -17.45 -15.20 10.67
CA PHE C 9 -17.70 -15.77 9.36
C PHE C 9 -18.69 -16.93 9.45
#